data_2C51
#
_entry.id   2C51
#
_cell.length_a   288.000
_cell.length_b   288.000
_cell.length_c   653.000
_cell.angle_alpha   90.00
_cell.angle_beta   90.00
_cell.angle_gamma   120.00
#
_symmetry.space_group_name_H-M   'H 3 2'
#
loop_
_entity.id
_entity.type
_entity.pdbx_description
1 polymer 'COAT PROTEIN'
2 polymer "5'-R(*AP*CP*AP*UP*GP*AP*GP*GP*AP*UP *GP*AP*CP*CP*CP*AP*UP*GP*U)-3'"
3 water water
#
loop_
_entity_poly.entity_id
_entity_poly.type
_entity_poly.pdbx_seq_one_letter_code
_entity_poly.pdbx_strand_id
1 'polypeptide(L)'
;ASNFTQFVLVDNGGTGDVTVAPSNFANGVAEWISSNSRSQAYKVTCSVRQSSAQNRKYTIKVEVPKVATQTVGGVELPVA
AWRSYLNMELTIPIFATNSDCELIVKAMQGLLKDGNPIPSAIAANSGIY
;
A,B,C
2 'polyribonucleotide' ACAUGAGGAUGACCCAUGU R,S
#
loop_
_chem_comp.id
_chem_comp.type
_chem_comp.name
_chem_comp.formula
A RNA linking ADENOSINE-5'-MONOPHOSPHATE 'C10 H14 N5 O7 P'
C RNA linking CYTIDINE-5'-MONOPHOSPHATE 'C9 H14 N3 O8 P'
G RNA linking GUANOSINE-5'-MONOPHOSPHATE 'C10 H14 N5 O8 P'
U RNA linking URIDINE-5'-MONOPHOSPHATE 'C9 H13 N2 O9 P'
#
# COMPACT_ATOMS: atom_id res chain seq x y z
N ALA A 1 -2.80 -17.48 6.67
CA ALA A 1 -2.29 -16.08 6.82
C ALA A 1 -2.32 -15.28 5.50
N SER A 2 -1.73 -14.09 5.56
CA SER A 2 -1.65 -13.12 4.47
C SER A 2 -1.92 -11.87 5.25
N ASN A 3 -0.97 -10.94 5.24
CA ASN A 3 -1.16 -9.72 5.97
C ASN A 3 -1.77 -8.66 5.07
N PHE A 4 -1.97 -9.01 3.79
CA PHE A 4 -2.54 -8.07 2.84
C PHE A 4 -4.05 -8.05 3.01
N THR A 5 -4.50 -7.35 4.06
CA THR A 5 -5.91 -7.25 4.39
C THR A 5 -6.34 -5.80 4.55
N GLN A 6 -7.65 -5.57 4.56
CA GLN A 6 -8.16 -4.21 4.73
C GLN A 6 -8.04 -3.83 6.20
N PHE A 7 -8.03 -2.53 6.47
CA PHE A 7 -7.92 -2.06 7.83
C PHE A 7 -8.48 -0.64 7.94
N VAL A 8 -8.72 -0.20 9.17
CA VAL A 8 -9.24 1.12 9.42
C VAL A 8 -8.12 2.14 9.50
N LEU A 9 -8.04 3.02 8.50
CA LEU A 9 -7.01 4.04 8.46
C LEU A 9 -7.36 5.17 9.41
N VAL A 10 -8.59 5.68 9.30
CA VAL A 10 -9.04 6.75 10.17
C VAL A 10 -10.19 6.25 11.03
N ASP A 11 -9.97 6.24 12.34
CA ASP A 11 -10.99 5.77 13.26
C ASP A 11 -11.82 6.88 13.92
N ASN A 12 -13.13 6.84 13.67
CA ASN A 12 -14.07 7.79 14.25
C ASN A 12 -15.17 7.01 14.94
N GLY A 13 -14.77 6.04 15.77
CA GLY A 13 -15.74 5.21 16.47
C GLY A 13 -16.80 4.67 15.54
N GLY A 14 -16.49 3.55 14.87
CA GLY A 14 -17.41 2.89 13.95
C GLY A 14 -18.46 3.71 13.18
N THR A 15 -18.15 4.99 12.88
CA THR A 15 -19.10 5.84 12.15
C THR A 15 -18.35 6.99 11.44
N GLY A 16 -18.25 6.86 10.12
CA GLY A 16 -17.51 7.86 9.36
C GLY A 16 -16.04 7.44 9.42
N ASP A 17 -15.84 6.15 9.72
CA ASP A 17 -14.52 5.56 9.79
C ASP A 17 -13.96 5.35 8.39
N VAL A 18 -12.76 5.88 8.12
CA VAL A 18 -12.17 5.66 6.82
C VAL A 18 -11.45 4.32 6.83
N THR A 19 -12.04 3.36 6.14
CA THR A 19 -11.48 2.02 6.05
C THR A 19 -10.86 1.89 4.65
N VAL A 20 -9.70 1.24 4.59
CA VAL A 20 -8.95 1.08 3.36
C VAL A 20 -8.76 -0.40 3.00
N ALA A 21 -8.86 -0.74 1.72
CA ALA A 21 -8.74 -2.13 1.28
C ALA A 21 -7.69 -2.40 0.20
N PRO A 22 -7.19 -3.65 0.14
CA PRO A 22 -6.18 -4.05 -0.84
C PRO A 22 -6.69 -3.78 -2.25
N SER A 23 -5.88 -3.15 -3.09
CA SER A 23 -6.32 -2.86 -4.42
C SER A 23 -5.32 -3.16 -5.54
N ASN A 24 -4.07 -3.40 -5.20
CA ASN A 24 -3.09 -3.68 -6.23
C ASN A 24 -1.77 -4.11 -5.64
N PHE A 25 -1.07 -5.01 -6.33
CA PHE A 25 0.22 -5.48 -5.85
C PHE A 25 1.20 -5.53 -7.02
N ALA A 26 0.90 -4.79 -8.07
CA ALA A 26 1.75 -4.77 -9.25
C ALA A 26 3.10 -4.15 -8.95
N ASN A 27 4.16 -4.79 -9.45
CA ASN A 27 5.53 -4.30 -9.27
C ASN A 27 6.03 -4.28 -7.85
N GLY A 28 5.57 -5.23 -7.03
CA GLY A 28 6.03 -5.31 -5.66
C GLY A 28 5.61 -4.15 -4.77
N VAL A 29 4.63 -3.38 -5.21
CA VAL A 29 4.15 -2.27 -4.40
C VAL A 29 2.73 -2.60 -3.98
N ALA A 30 2.56 -2.87 -2.69
CA ALA A 30 1.24 -3.18 -2.17
C ALA A 30 0.46 -1.86 -2.07
N GLU A 31 -0.77 -1.86 -2.56
CA GLU A 31 -1.60 -0.68 -2.54
C GLU A 31 -2.94 -0.93 -1.86
N TRP A 32 -3.44 0.09 -1.19
CA TRP A 32 -4.72 0.05 -0.48
C TRP A 32 -5.42 1.35 -0.83
N ILE A 33 -6.72 1.31 -1.07
CA ILE A 33 -7.46 2.54 -1.35
C ILE A 33 -8.81 2.44 -0.64
N SER A 34 -9.48 3.57 -0.48
CA SER A 34 -10.78 3.58 0.16
C SER A 34 -11.87 3.48 -0.91
N SER A 35 -13.09 3.17 -0.51
CA SER A 35 -14.19 3.04 -1.46
C SER A 35 -14.61 4.40 -1.97
N ASN A 36 -13.88 4.91 -2.96
CA ASN A 36 -14.17 6.20 -3.53
C ASN A 36 -13.75 6.16 -4.97
N SER A 37 -14.04 7.26 -5.67
CA SER A 37 -13.61 7.35 -7.02
C SER A 37 -12.11 7.48 -6.82
N ARG A 38 -11.35 6.87 -7.71
CA ARG A 38 -9.90 6.92 -7.65
C ARG A 38 -9.41 8.37 -7.46
N SER A 39 -10.21 9.34 -7.85
CA SER A 39 -9.82 10.75 -7.74
C SER A 39 -10.02 11.34 -6.33
N GLN A 40 -10.86 10.70 -5.52
CA GLN A 40 -11.12 11.19 -4.17
C GLN A 40 -10.70 10.20 -3.09
N ALA A 41 -9.99 9.15 -3.47
CA ALA A 41 -9.62 8.13 -2.50
C ALA A 41 -8.38 8.31 -1.66
N TYR A 42 -8.43 7.73 -0.47
CA TYR A 42 -7.30 7.71 0.44
C TYR A 42 -6.44 6.63 -0.18
N LYS A 43 -5.13 6.79 -0.14
CA LYS A 43 -4.27 5.80 -0.73
C LYS A 43 -3.09 5.48 0.18
N VAL A 44 -2.78 4.20 0.31
CA VAL A 44 -1.66 3.77 1.14
C VAL A 44 -0.84 2.77 0.33
N THR A 45 0.47 2.99 0.25
CA THR A 45 1.31 2.06 -0.48
C THR A 45 2.51 1.65 0.37
N CYS A 46 2.95 0.41 0.17
CA CYS A 46 4.07 -0.12 0.92
C CYS A 46 4.93 -1.04 0.05
N SER A 47 6.23 -1.03 0.30
CA SER A 47 7.15 -1.90 -0.44
C SER A 47 8.42 -2.07 0.39
N VAL A 48 9.00 -3.27 0.33
CA VAL A 48 10.22 -3.57 1.05
C VAL A 48 11.27 -3.89 0.02
N ARG A 49 12.49 -3.42 0.25
CA ARG A 49 13.58 -3.66 -0.67
C ARG A 49 14.86 -3.90 0.10
N GLN A 50 15.72 -4.77 -0.43
CA GLN A 50 17.01 -5.05 0.20
C GLN A 50 17.96 -3.97 -0.30
N SER A 51 17.73 -2.74 0.19
CA SER A 51 18.50 -1.54 -0.18
C SER A 51 20.02 -1.70 -0.20
N SER A 52 20.54 -2.57 0.64
CA SER A 52 21.97 -2.78 0.70
C SER A 52 22.26 -4.23 1.04
N ALA A 53 23.54 -4.56 1.10
CA ALA A 53 23.96 -5.90 1.44
C ALA A 53 23.48 -6.22 2.86
N GLN A 54 23.51 -5.21 3.72
CA GLN A 54 23.14 -5.41 5.11
C GLN A 54 21.93 -4.62 5.63
N ASN A 55 21.12 -4.13 4.71
CA ASN A 55 19.93 -3.35 5.05
C ASN A 55 18.70 -3.70 4.27
N ARG A 56 17.57 -3.43 4.87
CA ARG A 56 16.28 -3.62 4.24
C ARG A 56 15.58 -2.29 4.46
N LYS A 57 14.87 -1.83 3.44
CA LYS A 57 14.20 -0.54 3.53
C LYS A 57 12.72 -0.61 3.20
N TYR A 58 11.88 -0.14 4.12
CA TYR A 58 10.45 -0.12 3.88
C TYR A 58 10.14 1.30 3.44
N THR A 59 9.33 1.43 2.40
CA THR A 59 8.93 2.73 1.90
C THR A 59 7.41 2.74 1.99
N ILE A 60 6.89 3.60 2.84
CA ILE A 60 5.46 3.70 3.06
C ILE A 60 4.95 5.07 2.67
N LYS A 61 3.80 5.12 2.01
CA LYS A 61 3.20 6.38 1.58
C LYS A 61 1.71 6.41 1.82
N VAL A 62 1.23 7.51 2.38
CA VAL A 62 -0.19 7.69 2.65
C VAL A 62 -0.62 9.00 2.02
N GLU A 63 -1.83 9.02 1.46
CA GLU A 63 -2.39 10.21 0.84
C GLU A 63 -3.74 10.52 1.45
N VAL A 64 -3.84 11.66 2.13
CA VAL A 64 -5.09 12.06 2.74
C VAL A 64 -5.68 13.17 1.88
N PRO A 65 -6.86 12.94 1.29
CA PRO A 65 -7.48 13.96 0.44
C PRO A 65 -8.54 14.82 1.10
N LYS A 66 -8.73 16.00 0.53
CA LYS A 66 -9.76 16.93 0.98
C LYS A 66 -10.79 16.83 -0.16
N VAL A 67 -11.83 16.05 0.06
CA VAL A 67 -12.86 15.85 -0.98
C VAL A 67 -13.69 17.09 -1.30
N ALA A 68 -14.00 17.24 -2.57
CA ALA A 68 -14.76 18.38 -3.05
C ALA A 68 -15.47 18.04 -4.36
N THR A 69 -16.39 18.91 -4.78
CA THR A 69 -17.10 18.71 -6.02
C THR A 69 -16.84 19.88 -6.95
N GLN A 70 -15.94 19.70 -7.90
CA GLN A 70 -15.62 20.78 -8.82
C GLN A 70 -16.61 20.83 -9.98
N THR A 71 -16.70 21.99 -10.64
CA THR A 71 -17.61 22.16 -11.76
C THR A 71 -16.91 22.55 -13.06
N VAL A 72 -16.04 21.64 -13.54
CA VAL A 72 -15.30 21.86 -14.79
C VAL A 72 -16.24 21.82 -16.00
N GLY A 73 -16.00 22.71 -16.96
CA GLY A 73 -16.84 22.76 -18.15
C GLY A 73 -18.34 22.74 -17.86
N GLY A 74 -18.75 23.43 -16.79
CA GLY A 74 -20.15 23.47 -16.42
C GLY A 74 -20.73 22.10 -16.10
N VAL A 75 -19.87 21.21 -15.60
CA VAL A 75 -20.27 19.84 -15.22
C VAL A 75 -19.66 19.45 -13.85
N GLU A 76 -20.44 18.76 -13.03
CA GLU A 76 -19.94 18.33 -11.71
C GLU A 76 -19.10 17.04 -11.69
N LEU A 77 -17.92 17.12 -11.08
CA LEU A 77 -17.03 15.98 -10.98
C LEU A 77 -16.51 15.80 -9.55
N PRO A 78 -16.44 14.53 -9.07
CA PRO A 78 -15.95 14.26 -7.72
C PRO A 78 -14.43 14.42 -7.80
N VAL A 79 -13.89 15.34 -7.02
CA VAL A 79 -12.46 15.61 -7.08
C VAL A 79 -11.86 15.86 -5.69
N ALA A 80 -10.57 16.22 -5.66
CA ALA A 80 -9.90 16.51 -4.39
C ALA A 80 -9.36 17.94 -4.42
N ALA A 81 -9.78 18.75 -3.45
CA ALA A 81 -9.34 20.14 -3.36
C ALA A 81 -7.82 20.16 -3.27
N TRP A 82 -7.30 19.28 -2.42
CA TRP A 82 -5.87 19.13 -2.24
C TRP A 82 -5.60 17.81 -1.53
N ARG A 83 -4.34 17.42 -1.49
CA ARG A 83 -3.91 16.18 -0.85
C ARG A 83 -2.75 16.41 0.09
N SER A 84 -2.75 15.67 1.19
CA SER A 84 -1.68 15.75 2.16
C SER A 84 -0.89 14.45 1.95
N TYR A 85 0.44 14.55 1.95
CA TYR A 85 1.27 13.37 1.72
C TYR A 85 2.20 13.00 2.85
N LEU A 86 2.11 11.74 3.29
CA LEU A 86 3.00 11.22 4.32
C LEU A 86 3.96 10.31 3.60
N ASN A 87 5.25 10.51 3.84
CA ASN A 87 6.26 9.73 3.18
C ASN A 87 7.27 9.20 4.18
N MET A 88 7.28 7.90 4.43
CA MET A 88 8.25 7.40 5.37
C MET A 88 9.12 6.26 4.88
N GLU A 89 10.39 6.31 5.26
CA GLU A 89 11.34 5.28 4.90
C GLU A 89 11.97 4.76 6.16
N LEU A 90 11.93 3.44 6.32
CA LEU A 90 12.47 2.80 7.49
C LEU A 90 13.60 1.87 7.10
N THR A 91 14.82 2.15 7.54
CA THR A 91 15.95 1.30 7.21
C THR A 91 16.30 0.43 8.41
N ILE A 92 16.20 -0.87 8.24
CA ILE A 92 16.48 -1.81 9.32
C ILE A 92 17.64 -2.73 8.98
N PRO A 93 18.61 -2.89 9.89
CA PRO A 93 19.74 -3.77 9.60
C PRO A 93 19.28 -5.22 9.59
N ILE A 94 19.92 -6.06 8.79
CA ILE A 94 19.52 -7.46 8.71
C ILE A 94 19.75 -8.24 10.00
N PHE A 95 20.53 -7.65 10.91
CA PHE A 95 20.84 -8.29 12.17
C PHE A 95 19.76 -8.11 13.22
N ALA A 96 18.77 -7.29 12.91
CA ALA A 96 17.67 -7.05 13.83
C ALA A 96 16.76 -8.28 13.94
N THR A 97 16.52 -8.72 15.17
CA THR A 97 15.67 -9.88 15.41
C THR A 97 14.21 -9.42 15.42
N ASN A 98 13.28 -10.35 15.59
CA ASN A 98 11.86 -10.02 15.61
C ASN A 98 11.54 -9.11 16.79
N SER A 99 12.19 -9.36 17.91
CA SER A 99 11.98 -8.55 19.11
C SER A 99 12.58 -7.16 18.92
N ASP A 100 13.59 -7.06 18.06
CA ASP A 100 14.22 -5.78 17.77
C ASP A 100 13.28 -4.95 16.92
N CYS A 101 12.59 -5.64 16.02
CA CYS A 101 11.64 -4.98 15.13
C CYS A 101 10.39 -4.55 15.86
N GLU A 102 9.98 -5.32 16.85
CA GLU A 102 8.80 -4.99 17.64
C GLU A 102 9.06 -3.68 18.38
N LEU A 103 10.32 -3.48 18.74
CA LEU A 103 10.75 -2.31 19.45
C LEU A 103 10.64 -1.06 18.58
N ILE A 104 10.87 -1.24 17.28
CA ILE A 104 10.77 -0.14 16.33
C ILE A 104 9.30 0.22 16.14
N VAL A 105 8.44 -0.79 16.04
CA VAL A 105 7.02 -0.55 15.85
C VAL A 105 6.44 0.21 17.04
N LYS A 106 6.82 -0.18 18.25
CA LYS A 106 6.35 0.49 19.44
C LYS A 106 6.82 1.93 19.52
N ALA A 107 8.03 2.19 19.06
CA ALA A 107 8.58 3.54 19.06
C ALA A 107 7.74 4.43 18.16
N MET A 108 7.36 3.90 16.99
CA MET A 108 6.57 4.66 16.04
C MET A 108 5.18 4.91 16.58
N GLN A 109 4.66 3.97 17.35
CA GLN A 109 3.33 4.10 17.94
C GLN A 109 3.35 5.13 19.05
N GLY A 110 4.39 5.05 19.89
CA GLY A 110 4.52 6.00 20.99
C GLY A 110 4.73 7.40 20.48
N LEU A 111 5.43 7.51 19.36
CA LEU A 111 5.71 8.81 18.74
C LEU A 111 4.45 9.59 18.38
N LEU A 112 3.46 8.89 17.83
CA LEU A 112 2.21 9.50 17.37
C LEU A 112 1.04 9.41 18.35
N LYS A 113 1.29 8.93 19.55
CA LYS A 113 0.22 8.81 20.53
C LYS A 113 -0.39 10.15 20.94
N ASP A 114 -1.71 10.19 21.08
CA ASP A 114 -2.40 11.41 21.50
C ASP A 114 -1.80 12.03 22.73
N GLY A 115 -1.60 13.34 22.69
CA GLY A 115 -1.06 14.03 23.83
C GLY A 115 0.44 14.22 23.79
N ASN A 116 1.14 13.40 23.01
CA ASN A 116 2.59 13.56 22.93
C ASN A 116 2.96 14.76 22.07
N PRO A 117 4.15 15.32 22.28
CA PRO A 117 4.63 16.49 21.54
C PRO A 117 4.29 16.62 20.04
N ILE A 118 4.88 15.75 19.22
CA ILE A 118 4.68 15.81 17.78
C ILE A 118 3.24 15.79 17.28
N PRO A 119 2.44 14.78 17.64
CA PRO A 119 1.07 14.85 17.12
C PRO A 119 0.32 16.10 17.58
N SER A 120 0.72 16.65 18.73
CA SER A 120 0.09 17.84 19.26
C SER A 120 0.41 19.07 18.44
N ALA A 121 1.66 19.16 18.00
CA ALA A 121 2.09 20.28 17.19
C ALA A 121 1.39 20.24 15.84
N ILE A 122 1.40 19.07 15.20
CA ILE A 122 0.78 18.92 13.90
C ILE A 122 -0.70 19.27 13.93
N ALA A 123 -1.42 18.77 14.94
CA ALA A 123 -2.85 19.03 15.05
C ALA A 123 -3.18 20.48 15.35
N ALA A 124 -2.22 21.25 15.83
CA ALA A 124 -2.47 22.64 16.17
C ALA A 124 -1.81 23.62 15.19
N ASN A 125 -1.29 23.09 14.09
CA ASN A 125 -0.64 23.94 13.08
C ASN A 125 0.49 24.75 13.66
N SER A 126 1.37 24.14 14.44
CA SER A 126 2.50 24.87 15.01
C SER A 126 3.76 24.04 15.04
N GLY A 127 4.83 24.64 15.57
CA GLY A 127 6.09 23.94 15.68
C GLY A 127 6.29 23.42 17.09
N ILE A 128 7.49 23.00 17.40
CA ILE A 128 7.80 22.50 18.73
C ILE A 128 8.47 23.62 19.50
N TYR A 129 7.96 23.94 20.67
CA TYR A 129 8.55 24.99 21.48
C TYR A 129 8.26 24.77 22.95
N ALA B 1 1.21 26.96 24.69
CA ALA B 1 1.26 25.54 25.19
C ALA B 1 2.60 24.88 24.86
N SER B 2 3.65 25.19 25.65
CA SER B 2 4.97 24.60 25.42
C SER B 2 4.83 23.09 25.29
N ASN B 3 5.15 22.55 24.11
CA ASN B 3 5.03 21.12 23.90
C ASN B 3 6.38 20.40 23.85
N PHE B 4 7.46 21.15 24.05
CA PHE B 4 8.78 20.53 24.01
C PHE B 4 9.09 19.92 25.37
N THR B 5 8.39 18.83 25.68
CA THR B 5 8.55 18.12 26.95
C THR B 5 8.89 16.67 26.70
N GLN B 6 9.34 15.98 27.73
CA GLN B 6 9.68 14.58 27.57
C GLN B 6 8.43 13.73 27.47
N PHE B 7 8.57 12.57 26.85
CA PHE B 7 7.45 11.67 26.67
C PHE B 7 7.93 10.22 26.58
N VAL B 8 6.99 9.30 26.66
CA VAL B 8 7.31 7.89 26.57
C VAL B 8 7.29 7.47 25.11
N LEU B 9 8.45 7.03 24.60
CA LEU B 9 8.55 6.60 23.21
C LEU B 9 8.16 5.14 23.09
N VAL B 10 8.74 4.29 23.92
CA VAL B 10 8.43 2.86 23.90
C VAL B 10 7.72 2.53 25.21
N ASP B 11 6.45 2.19 25.10
CA ASP B 11 5.67 1.85 26.27
C ASP B 11 5.55 0.35 26.54
N ASN B 12 6.07 -0.08 27.69
CA ASN B 12 6.00 -1.47 28.10
C ASN B 12 5.19 -1.60 29.37
N GLY B 13 4.09 -0.85 29.44
CA GLY B 13 3.25 -0.87 30.63
C GLY B 13 4.05 -0.53 31.88
N GLY B 14 4.52 0.72 31.96
CA GLY B 14 5.28 1.17 33.12
C GLY B 14 6.62 0.53 33.44
N THR B 15 6.72 -0.79 33.28
CA THR B 15 7.96 -1.48 33.60
C THR B 15 8.89 -1.68 32.38
N GLY B 16 10.00 -0.94 32.37
CA GLY B 16 10.95 -1.03 31.26
C GLY B 16 10.58 -0.09 30.11
N ASP B 17 9.88 0.98 30.44
CA ASP B 17 9.47 1.99 29.46
C ASP B 17 10.67 2.82 29.03
N VAL B 18 10.68 3.25 27.78
CA VAL B 18 11.76 4.07 27.29
C VAL B 18 11.25 5.51 27.19
N THR B 19 11.81 6.39 28.00
CA THR B 19 11.43 7.79 28.00
C THR B 19 12.49 8.56 27.25
N VAL B 20 12.05 9.53 26.47
CA VAL B 20 12.95 10.32 25.67
C VAL B 20 12.73 11.78 26.12
N ALA B 21 13.82 12.50 26.38
CA ALA B 21 13.73 13.87 26.87
C ALA B 21 14.44 14.92 26.03
N PRO B 22 14.01 16.19 26.10
CA PRO B 22 14.59 17.31 25.36
C PRO B 22 16.10 17.35 25.52
N SER B 23 16.83 17.42 24.41
CA SER B 23 18.29 17.45 24.48
C SER B 23 18.96 18.48 23.59
N ASN B 24 18.22 19.09 22.69
CA ASN B 24 18.82 20.08 21.81
C ASN B 24 17.73 20.86 21.08
N PHE B 25 18.03 22.11 20.74
CA PHE B 25 17.08 22.95 20.04
C PHE B 25 17.76 23.86 19.02
N ALA B 26 18.95 23.44 18.60
CA ALA B 26 19.72 24.21 17.64
C ALA B 26 19.03 24.27 16.28
N ASN B 27 18.83 25.49 15.78
CA ASN B 27 18.20 25.74 14.49
C ASN B 27 16.73 25.40 14.39
N GLY B 28 16.01 25.51 15.50
CA GLY B 28 14.59 25.19 15.48
C GLY B 28 14.31 23.70 15.37
N VAL B 29 15.37 22.90 15.23
CA VAL B 29 15.20 21.46 15.16
C VAL B 29 15.19 20.93 16.59
N ALA B 30 14.04 20.46 17.05
CA ALA B 30 13.91 19.92 18.38
C ALA B 30 14.48 18.51 18.41
N GLU B 31 15.15 18.16 19.50
CA GLU B 31 15.73 16.84 19.65
C GLU B 31 15.43 16.25 21.04
N TRP B 32 15.15 14.95 21.06
CA TRP B 32 14.87 14.21 22.27
C TRP B 32 15.74 12.96 22.22
N ILE B 33 16.38 12.60 23.32
CA ILE B 33 17.17 11.37 23.34
C ILE B 33 16.93 10.64 24.65
N SER B 34 17.21 9.34 24.65
CA SER B 34 17.05 8.55 25.86
C SER B 34 18.31 8.69 26.70
N SER B 35 18.27 8.15 27.91
CA SER B 35 19.40 8.23 28.80
C SER B 35 20.42 7.13 28.50
N ASN B 36 21.14 7.30 27.40
CA ASN B 36 22.13 6.34 26.94
C ASN B 36 23.28 7.10 26.31
N SER B 37 24.25 6.34 25.79
CA SER B 37 25.36 6.94 25.09
C SER B 37 24.68 7.31 23.77
N ARG B 38 25.25 8.21 22.99
CA ARG B 38 24.57 8.57 21.76
C ARG B 38 24.62 7.48 20.69
N SER B 39 25.49 6.50 20.91
CA SER B 39 25.63 5.41 19.96
C SER B 39 24.54 4.37 20.19
N GLN B 40 24.02 4.32 21.41
CA GLN B 40 22.98 3.35 21.76
C GLN B 40 21.66 3.98 22.18
N ALA B 41 21.53 5.29 21.99
CA ALA B 41 20.32 5.98 22.39
C ALA B 41 19.16 5.96 21.41
N TYR B 42 17.99 6.30 21.92
CA TYR B 42 16.79 6.42 21.10
C TYR B 42 16.80 7.91 20.82
N LYS B 43 16.73 8.28 19.56
CA LYS B 43 16.75 9.70 19.22
C LYS B 43 15.54 10.10 18.39
N VAL B 44 15.03 11.29 18.64
CA VAL B 44 13.89 11.81 17.92
C VAL B 44 14.15 13.28 17.61
N THR B 45 13.96 13.69 16.36
CA THR B 45 14.12 15.09 15.97
C THR B 45 12.91 15.50 15.15
N CYS B 46 12.56 16.77 15.20
CA CYS B 46 11.40 17.25 14.47
C CYS B 46 11.56 18.73 14.11
N SER B 47 11.10 19.10 12.92
CA SER B 47 11.16 20.50 12.48
C SER B 47 10.06 20.75 11.46
N VAL B 48 9.70 22.02 11.26
CA VAL B 48 8.67 22.39 10.30
C VAL B 48 9.16 23.55 9.47
N ARG B 49 8.77 23.58 8.21
CA ARG B 49 9.15 24.66 7.33
C ARG B 49 8.13 24.79 6.20
N GLN B 50 8.16 25.94 5.55
CA GLN B 50 7.28 26.24 4.43
C GLN B 50 8.05 25.67 3.25
N SER B 51 7.74 24.44 2.83
CA SER B 51 8.46 23.81 1.73
C SER B 51 8.29 24.56 0.40
N SER B 52 7.13 25.17 0.21
CA SER B 52 6.83 25.92 -1.00
C SER B 52 5.75 26.93 -0.67
N ALA B 53 5.23 27.59 -1.69
CA ALA B 53 4.19 28.59 -1.49
C ALA B 53 2.87 27.95 -1.09
N GLN B 54 2.65 26.73 -1.56
CA GLN B 54 1.42 26.01 -1.28
C GLN B 54 1.47 25.01 -0.11
N ASN B 55 2.67 24.64 0.32
CA ASN B 55 2.82 23.65 1.39
C ASN B 55 3.76 23.94 2.54
N ARG B 56 3.48 23.26 3.65
CA ARG B 56 4.31 23.31 4.85
C ARG B 56 4.76 21.85 4.97
N LYS B 57 5.92 21.63 5.59
CA LYS B 57 6.40 20.27 5.71
C LYS B 57 7.10 19.92 7.02
N TYR B 58 6.57 18.91 7.71
CA TYR B 58 7.16 18.42 8.96
C TYR B 58 8.15 17.31 8.61
N THR B 59 9.36 17.40 9.16
CA THR B 59 10.34 16.37 8.92
C THR B 59 10.64 15.75 10.28
N ILE B 60 10.31 14.48 10.41
CA ILE B 60 10.50 13.75 11.65
C ILE B 60 11.45 12.58 11.47
N LYS B 61 12.50 12.54 12.27
CA LYS B 61 13.46 11.46 12.18
C LYS B 61 13.56 10.73 13.51
N VAL B 62 13.61 9.40 13.44
CA VAL B 62 13.72 8.57 14.63
C VAL B 62 14.86 7.57 14.45
N GLU B 63 15.62 7.34 15.51
CA GLU B 63 16.70 6.37 15.49
C GLU B 63 16.43 5.37 16.59
N VAL B 64 16.39 4.09 16.24
CA VAL B 64 16.11 3.03 17.21
C VAL B 64 17.29 2.07 17.28
N PRO B 65 17.80 1.80 18.49
CA PRO B 65 18.94 0.88 18.66
C PRO B 65 18.61 -0.60 18.62
N LYS B 66 19.53 -1.41 18.10
CA LYS B 66 19.33 -2.84 18.08
C LYS B 66 19.67 -3.25 19.50
N VAL B 67 18.76 -3.96 20.15
CA VAL B 67 18.98 -4.35 21.54
C VAL B 67 19.47 -5.77 21.78
N ALA B 68 19.04 -6.72 20.95
CA ALA B 68 19.47 -8.10 21.12
C ALA B 68 20.98 -8.24 21.07
N THR B 69 21.55 -8.85 22.10
CA THR B 69 22.99 -9.08 22.25
C THR B 69 23.79 -7.79 22.38
N GLN B 70 23.11 -6.73 22.74
CA GLN B 70 23.72 -5.42 22.92
C GLN B 70 24.55 -5.41 24.20
N THR B 71 25.62 -4.62 24.20
CA THR B 71 26.46 -4.49 25.39
C THR B 71 26.32 -3.05 25.86
N VAL B 72 25.56 -2.85 26.92
CA VAL B 72 25.33 -1.51 27.44
C VAL B 72 26.59 -0.73 27.73
N GLY B 73 26.73 0.40 27.05
CA GLY B 73 27.87 1.27 27.24
C GLY B 73 29.10 0.85 26.46
N GLY B 74 28.98 -0.22 25.69
CA GLY B 74 30.11 -0.71 24.91
C GLY B 74 30.28 -0.05 23.57
N VAL B 75 31.41 -0.34 22.92
CA VAL B 75 31.69 0.20 21.60
C VAL B 75 31.29 -0.87 20.60
N GLU B 76 30.22 -0.63 19.86
CA GLU B 76 29.72 -1.59 18.89
C GLU B 76 29.83 -1.10 17.45
N LEU B 77 30.69 -1.76 16.67
CA LEU B 77 30.88 -1.41 15.27
C LEU B 77 30.55 -2.63 14.40
N PRO B 78 30.09 -2.41 13.16
CA PRO B 78 29.87 -1.10 12.54
C PRO B 78 28.55 -0.49 13.02
N VAL B 79 28.52 0.83 13.10
CA VAL B 79 27.34 1.54 13.55
C VAL B 79 26.07 1.17 12.77
N ALA B 80 26.23 0.91 11.49
CA ALA B 80 25.11 0.56 10.62
C ALA B 80 24.45 -0.75 10.98
N ALA B 81 25.18 -1.61 11.67
CA ALA B 81 24.64 -2.91 12.06
C ALA B 81 23.79 -2.83 13.32
N TRP B 82 23.95 -1.77 14.09
CA TRP B 82 23.23 -1.64 15.35
C TRP B 82 22.15 -0.58 15.43
N ARG B 83 21.76 0.01 14.32
CA ARG B 83 20.74 1.05 14.37
C ARG B 83 19.77 1.04 13.21
N SER B 84 18.54 1.45 13.50
CA SER B 84 17.49 1.53 12.50
C SER B 84 17.13 3.00 12.37
N TYR B 85 16.84 3.44 11.17
CA TYR B 85 16.50 4.82 10.95
C TYR B 85 15.13 5.03 10.32
N LEU B 86 14.30 5.80 11.00
CA LEU B 86 12.98 6.13 10.51
C LEU B 86 13.04 7.55 10.01
N ASN B 87 12.54 7.77 8.81
CA ASN B 87 12.56 9.08 8.22
C ASN B 87 11.17 9.43 7.69
N MET B 88 10.50 10.36 8.35
CA MET B 88 9.15 10.77 7.98
C MET B 88 9.04 12.18 7.44
N GLU B 89 8.31 12.33 6.35
CA GLU B 89 8.07 13.66 5.79
C GLU B 89 6.58 13.81 5.60
N LEU B 90 6.02 14.81 6.26
CA LEU B 90 4.61 15.08 6.19
C LEU B 90 4.37 16.42 5.50
N THR B 91 3.73 16.38 4.33
CA THR B 91 3.43 17.58 3.57
C THR B 91 1.97 17.94 3.76
N ILE B 92 1.72 19.16 4.22
CA ILE B 92 0.36 19.61 4.46
C ILE B 92 0.11 20.94 3.75
N PRO B 93 -0.90 20.99 2.87
CA PRO B 93 -1.25 22.21 2.13
C PRO B 93 -1.63 23.33 3.11
N ILE B 94 -1.29 24.57 2.77
CA ILE B 94 -1.59 25.69 3.65
C ILE B 94 -3.07 25.90 3.96
N PHE B 95 -3.95 25.22 3.21
CA PHE B 95 -5.38 25.38 3.43
C PHE B 95 -5.92 24.49 4.55
N ALA B 96 -5.12 23.51 4.95
CA ALA B 96 -5.51 22.57 5.99
C ALA B 96 -5.80 23.30 7.30
N THR B 97 -6.97 23.06 7.85
CA THR B 97 -7.35 23.67 9.11
C THR B 97 -6.92 22.76 10.24
N ASN B 98 -7.16 23.20 11.48
CA ASN B 98 -6.79 22.41 12.63
C ASN B 98 -7.49 21.06 12.58
N SER B 99 -8.74 21.06 12.12
CA SER B 99 -9.53 19.84 12.00
C SER B 99 -8.93 18.94 10.94
N ASP B 100 -8.59 19.51 9.79
CA ASP B 100 -8.00 18.73 8.73
C ASP B 100 -6.75 18.04 9.26
N CYS B 101 -5.95 18.78 10.01
CA CYS B 101 -4.71 18.24 10.57
C CYS B 101 -4.92 17.16 11.61
N GLU B 102 -6.04 17.24 12.34
CA GLU B 102 -6.32 16.22 13.34
C GLU B 102 -6.63 14.92 12.63
N LEU B 103 -7.26 15.04 11.46
CA LEU B 103 -7.62 13.87 10.68
C LEU B 103 -6.37 13.20 10.16
N ILE B 104 -5.38 14.01 9.77
CA ILE B 104 -4.11 13.51 9.25
C ILE B 104 -3.34 12.77 10.34
N VAL B 105 -3.44 13.24 11.58
CA VAL B 105 -2.75 12.59 12.67
C VAL B 105 -3.41 11.24 12.91
N LYS B 106 -4.72 11.19 12.83
CA LYS B 106 -5.46 9.94 13.01
C LYS B 106 -5.11 8.91 11.95
N ALA B 107 -4.91 9.37 10.72
CA ALA B 107 -4.57 8.47 9.63
C ALA B 107 -3.22 7.83 9.95
N MET B 108 -2.30 8.60 10.52
CA MET B 108 -0.99 8.10 10.88
C MET B 108 -1.10 7.12 12.04
N GLN B 109 -1.98 7.41 12.98
CA GLN B 109 -2.17 6.54 14.12
C GLN B 109 -2.78 5.23 13.65
N GLY B 110 -3.77 5.33 12.77
CA GLY B 110 -4.44 4.15 12.24
C GLY B 110 -3.48 3.27 11.46
N LEU B 111 -2.62 3.90 10.68
CA LEU B 111 -1.64 3.18 9.89
C LEU B 111 -0.78 2.25 10.73
N LEU B 112 -0.33 2.73 11.88
CA LEU B 112 0.55 1.96 12.76
C LEU B 112 -0.08 1.22 13.92
N LYS B 113 -1.41 1.20 13.97
CA LYS B 113 -2.09 0.51 15.06
C LYS B 113 -1.78 -0.99 15.08
N ASP B 114 -1.73 -1.59 16.28
CA ASP B 114 -1.46 -3.01 16.42
C ASP B 114 -2.41 -3.90 15.65
N GLY B 115 -1.87 -4.91 14.98
CA GLY B 115 -2.70 -5.83 14.23
C GLY B 115 -2.89 -5.45 12.78
N ASN B 116 -2.64 -4.19 12.45
CA ASN B 116 -2.79 -3.75 11.07
C ASN B 116 -1.62 -4.27 10.23
N PRO B 117 -1.83 -4.41 8.92
CA PRO B 117 -0.82 -4.91 7.99
C PRO B 117 0.61 -4.39 8.13
N ILE B 118 0.82 -3.09 7.93
CA ILE B 118 2.18 -2.52 8.00
C ILE B 118 2.95 -2.82 9.28
N PRO B 119 2.41 -2.45 10.46
CA PRO B 119 3.21 -2.76 11.64
C PRO B 119 3.44 -4.26 11.84
N SER B 120 2.52 -5.09 11.39
CA SER B 120 2.65 -6.53 11.53
C SER B 120 3.74 -7.06 10.63
N ALA B 121 3.84 -6.49 9.43
CA ALA B 121 4.86 -6.89 8.49
C ALA B 121 6.23 -6.54 9.05
N ILE B 122 6.38 -5.30 9.51
CA ILE B 122 7.65 -4.84 10.07
C ILE B 122 8.10 -5.66 11.27
N ALA B 123 7.20 -5.91 12.21
CA ALA B 123 7.52 -6.65 13.42
C ALA B 123 7.88 -8.11 13.15
N ALA B 124 7.53 -8.63 11.99
CA ALA B 124 7.83 -10.01 11.66
C ALA B 124 8.91 -10.18 10.60
N ASN B 125 9.67 -9.11 10.36
CA ASN B 125 10.75 -9.13 9.36
C ASN B 125 10.21 -9.53 7.99
N SER B 126 8.96 -9.18 7.73
CA SER B 126 8.30 -9.52 6.48
C SER B 126 7.93 -8.37 5.58
N GLY B 127 7.37 -8.72 4.42
CA GLY B 127 6.90 -7.74 3.48
C GLY B 127 5.41 -8.03 3.42
N ILE B 128 4.76 -7.67 2.32
CA ILE B 128 3.33 -7.94 2.20
C ILE B 128 3.16 -9.22 1.38
N TYR B 129 2.15 -10.01 1.71
CA TYR B 129 1.91 -11.26 1.01
C TYR B 129 0.48 -11.76 1.26
N ALA C 1 -6.00 -11.30 2.34
CA ALA C 1 -6.92 -11.11 1.16
C ALA C 1 -6.15 -11.22 -0.18
N SER C 2 -6.83 -11.74 -1.21
CA SER C 2 -6.19 -11.88 -2.52
C SER C 2 -7.17 -12.31 -3.60
N ASN C 3 -7.08 -11.68 -4.76
CA ASN C 3 -7.94 -12.05 -5.87
C ASN C 3 -7.11 -12.70 -6.98
N PHE C 4 -5.80 -12.86 -6.71
CA PHE C 4 -4.91 -13.51 -7.67
C PHE C 4 -4.98 -14.99 -7.33
N THR C 5 -6.16 -15.54 -7.51
CA THR C 5 -6.40 -16.93 -7.20
C THR C 5 -6.93 -17.71 -8.40
N GLN C 6 -7.07 -19.00 -8.18
CA GLN C 6 -7.57 -19.92 -9.17
C GLN C 6 -9.06 -19.73 -9.39
N PHE C 7 -9.55 -19.99 -10.59
CA PHE C 7 -10.97 -19.85 -10.88
C PHE C 7 -11.39 -20.64 -12.11
N VAL C 8 -12.70 -20.83 -12.24
CA VAL C 8 -13.25 -21.57 -13.36
C VAL C 8 -13.48 -20.66 -14.57
N LEU C 9 -12.72 -20.92 -15.64
CA LEU C 9 -12.83 -20.14 -16.86
C LEU C 9 -13.96 -20.67 -17.71
N VAL C 10 -14.00 -21.98 -17.91
CA VAL C 10 -15.06 -22.60 -18.68
C VAL C 10 -15.83 -23.50 -17.75
N ASP C 11 -17.14 -23.27 -17.67
CA ASP C 11 -17.99 -24.06 -16.80
C ASP C 11 -18.78 -25.09 -17.61
N ASN C 12 -18.53 -26.37 -17.33
CA ASN C 12 -19.24 -27.46 -18.01
C ASN C 12 -19.87 -28.31 -16.92
N GLY C 13 -21.03 -27.86 -16.44
CA GLY C 13 -21.66 -28.58 -15.36
C GLY C 13 -20.62 -28.55 -14.25
N GLY C 14 -20.31 -29.69 -13.66
CA GLY C 14 -19.30 -29.71 -12.62
C GLY C 14 -18.05 -30.42 -13.13
N THR C 15 -18.20 -31.17 -14.21
CA THR C 15 -17.08 -31.94 -14.75
C THR C 15 -16.77 -31.60 -16.22
N GLY C 16 -15.47 -31.44 -16.49
CA GLY C 16 -15.03 -31.08 -17.82
C GLY C 16 -14.78 -29.57 -17.73
N ASP C 17 -14.95 -29.06 -16.50
CA ASP C 17 -14.75 -27.64 -16.19
C ASP C 17 -13.30 -27.30 -16.43
N VAL C 18 -13.05 -26.15 -17.03
CA VAL C 18 -11.69 -25.71 -17.28
C VAL C 18 -11.32 -24.72 -16.17
N THR C 19 -10.34 -25.09 -15.37
CA THR C 19 -9.88 -24.23 -14.30
C THR C 19 -8.53 -23.66 -14.65
N VAL C 20 -8.36 -22.38 -14.37
CA VAL C 20 -7.13 -21.72 -14.66
C VAL C 20 -6.55 -21.27 -13.31
N ALA C 21 -5.25 -21.47 -13.10
CA ALA C 21 -4.60 -21.12 -11.84
C ALA C 21 -3.45 -20.14 -12.00
N PRO C 22 -3.16 -19.34 -10.97
CA PRO C 22 -2.06 -18.36 -11.04
C PRO C 22 -0.73 -19.00 -11.45
N SER C 23 0.08 -18.28 -12.20
CA SER C 23 1.36 -18.82 -12.61
C SER C 23 2.46 -17.78 -12.53
N ASN C 24 2.11 -16.53 -12.76
CA ASN C 24 3.13 -15.52 -12.74
C ASN C 24 2.55 -14.13 -12.64
N PHE C 25 3.24 -13.24 -11.92
CA PHE C 25 2.77 -11.88 -11.78
C PHE C 25 3.97 -10.95 -11.94
N ALA C 26 4.67 -11.11 -13.07
CA ALA C 26 5.85 -10.29 -13.36
C ALA C 26 5.52 -8.99 -14.11
N ASN C 27 6.14 -7.90 -13.68
CA ASN C 27 5.96 -6.58 -14.29
C ASN C 27 4.51 -6.11 -14.39
N GLY C 28 3.75 -6.21 -13.31
CA GLY C 28 2.37 -5.77 -13.34
C GLY C 28 1.44 -6.54 -14.26
N VAL C 29 1.88 -7.72 -14.73
CA VAL C 29 1.03 -8.54 -15.59
C VAL C 29 0.74 -9.86 -14.90
N ALA C 30 -0.50 -10.02 -14.45
CA ALA C 30 -0.92 -11.25 -13.79
C ALA C 30 -1.24 -12.28 -14.86
N GLU C 31 -0.82 -13.53 -14.62
CA GLU C 31 -1.05 -14.60 -15.57
C GLU C 31 -1.62 -15.85 -14.92
N TRP C 32 -2.60 -16.46 -15.59
CA TRP C 32 -3.26 -17.68 -15.13
C TRP C 32 -3.12 -18.71 -16.24
N ILE C 33 -2.83 -19.95 -15.87
CA ILE C 33 -2.67 -21.05 -16.83
C ILE C 33 -3.47 -22.25 -16.34
N SER C 34 -3.92 -23.10 -17.27
CA SER C 34 -4.67 -24.28 -16.85
C SER C 34 -3.62 -25.40 -16.66
N SER C 35 -4.00 -26.46 -15.94
CA SER C 35 -3.04 -27.53 -15.69
C SER C 35 -2.67 -28.35 -16.94
N ASN C 36 -1.60 -29.13 -16.79
CA ASN C 36 -1.03 -29.98 -17.85
C ASN C 36 -0.20 -29.20 -18.86
N SER C 37 0.26 -29.88 -19.90
CA SER C 37 1.09 -29.28 -20.94
C SER C 37 0.82 -27.81 -21.19
N ARG C 38 1.84 -26.99 -20.98
CA ARG C 38 1.75 -25.56 -21.21
C ARG C 38 1.33 -25.35 -22.67
N SER C 39 1.76 -26.25 -23.53
CA SER C 39 1.47 -26.19 -24.96
C SER C 39 -0.02 -26.32 -25.31
N GLN C 40 -0.78 -26.99 -24.46
CA GLN C 40 -2.21 -27.18 -24.68
C GLN C 40 -3.06 -26.45 -23.65
N ALA C 41 -2.43 -25.54 -22.90
CA ALA C 41 -3.11 -24.83 -21.83
C ALA C 41 -3.86 -23.59 -22.23
N TYR C 42 -4.84 -23.24 -21.40
CA TYR C 42 -5.62 -22.03 -21.59
C TYR C 42 -4.82 -20.96 -20.86
N LYS C 43 -4.84 -19.75 -21.37
CA LYS C 43 -4.10 -18.68 -20.75
C LYS C 43 -4.93 -17.42 -20.60
N VAL C 44 -4.75 -16.75 -19.48
CA VAL C 44 -5.46 -15.51 -19.19
C VAL C 44 -4.47 -14.56 -18.55
N THR C 45 -4.41 -13.32 -19.03
CA THR C 45 -3.50 -12.35 -18.45
C THR C 45 -4.29 -11.07 -18.19
N CYS C 46 -3.83 -10.29 -17.23
CA CYS C 46 -4.50 -9.05 -16.88
C CYS C 46 -3.53 -8.02 -16.29
N SER C 47 -3.80 -6.75 -16.57
CA SER C 47 -2.96 -5.68 -16.04
C SER C 47 -3.72 -4.36 -16.06
N VAL C 48 -3.33 -3.43 -15.20
CA VAL C 48 -3.97 -2.12 -15.13
C VAL C 48 -2.87 -1.08 -15.11
N ARG C 49 -3.12 0.05 -15.74
CA ARG C 49 -2.13 1.12 -15.76
C ARG C 49 -2.86 2.43 -15.92
N GLN C 50 -2.19 3.51 -15.50
CA GLN C 50 -2.73 4.85 -15.61
C GLN C 50 -2.39 5.24 -17.05
N SER C 51 -3.34 5.06 -17.96
CA SER C 51 -3.11 5.36 -19.37
C SER C 51 -2.88 6.85 -19.60
N SER C 52 -3.42 7.67 -18.72
CA SER C 52 -3.25 9.12 -18.83
C SER C 52 -3.61 9.75 -17.51
N ALA C 53 -3.69 11.07 -17.51
CA ALA C 53 -4.01 11.80 -16.29
C ALA C 53 -5.38 11.41 -15.73
N GLN C 54 -6.36 11.24 -16.61
CA GLN C 54 -7.70 10.91 -16.16
C GLN C 54 -8.13 9.48 -16.35
N ASN C 55 -7.34 8.71 -17.09
CA ASN C 55 -7.75 7.33 -17.33
C ASN C 55 -6.85 6.22 -16.83
N ARG C 56 -7.51 5.15 -16.40
CA ARG C 56 -6.85 3.95 -15.98
C ARG C 56 -7.33 2.96 -17.05
N LYS C 57 -6.46 2.05 -17.46
CA LYS C 57 -6.81 1.13 -18.51
C LYS C 57 -6.49 -0.32 -18.23
N TYR C 58 -7.50 -1.18 -18.31
CA TYR C 58 -7.30 -2.61 -18.10
C TYR C 58 -7.06 -3.28 -19.43
N THR C 59 -6.10 -4.20 -19.48
CA THR C 59 -5.81 -4.95 -20.70
C THR C 59 -5.91 -6.43 -20.31
N ILE C 60 -6.94 -7.08 -20.82
CA ILE C 60 -7.20 -8.49 -20.53
C ILE C 60 -7.04 -9.33 -21.78
N LYS C 61 -6.43 -10.51 -21.63
CA LYS C 61 -6.22 -11.40 -22.76
C LYS C 61 -6.50 -12.84 -22.43
N VAL C 62 -7.21 -13.52 -23.33
CA VAL C 62 -7.53 -14.91 -23.15
C VAL C 62 -7.11 -15.71 -24.38
N GLU C 63 -6.73 -16.95 -24.17
CA GLU C 63 -6.33 -17.85 -25.24
C GLU C 63 -7.05 -19.17 -25.08
N VAL C 64 -7.82 -19.55 -26.09
CA VAL C 64 -8.54 -20.82 -26.06
C VAL C 64 -7.84 -21.70 -27.08
N PRO C 65 -7.26 -22.83 -26.63
CA PRO C 65 -6.55 -23.74 -27.52
C PRO C 65 -7.42 -24.86 -28.07
N LYS C 66 -7.00 -25.36 -29.22
CA LYS C 66 -7.66 -26.48 -29.86
C LYS C 66 -6.70 -27.64 -29.61
N VAL C 67 -6.99 -28.44 -28.58
CA VAL C 67 -6.14 -29.55 -28.23
C VAL C 67 -6.01 -30.60 -29.32
N ALA C 68 -4.76 -30.99 -29.59
CA ALA C 68 -4.47 -31.98 -30.62
C ALA C 68 -3.12 -32.62 -30.37
N THR C 69 -2.87 -33.73 -31.05
CA THR C 69 -1.61 -34.46 -30.93
C THR C 69 -0.81 -34.33 -32.23
N GLN C 70 0.45 -33.93 -32.14
CA GLN C 70 1.25 -33.81 -33.35
C GLN C 70 2.23 -34.96 -33.50
N THR C 71 2.17 -35.63 -34.64
CA THR C 71 3.10 -36.73 -34.87
C THR C 71 4.09 -36.33 -35.96
N VAL C 72 5.37 -36.50 -35.65
CA VAL C 72 6.43 -36.15 -36.57
C VAL C 72 7.59 -37.14 -36.38
N GLY C 73 7.87 -37.89 -37.45
CA GLY C 73 8.94 -38.87 -37.38
C GLY C 73 8.47 -39.99 -36.47
N GLY C 74 7.16 -40.07 -36.25
CA GLY C 74 6.64 -41.11 -35.38
C GLY C 74 6.76 -40.67 -33.93
N VAL C 75 7.12 -39.40 -33.74
CA VAL C 75 7.25 -38.84 -32.40
C VAL C 75 6.04 -37.93 -32.17
N GLU C 76 5.20 -38.28 -31.20
CA GLU C 76 4.05 -37.43 -30.93
C GLU C 76 4.19 -36.54 -29.69
N LEU C 77 3.71 -35.31 -29.84
CA LEU C 77 3.76 -34.29 -28.80
C LEU C 77 2.38 -33.68 -28.60
N PRO C 78 2.08 -33.25 -27.36
CA PRO C 78 0.79 -32.63 -27.07
C PRO C 78 0.95 -31.19 -27.53
N VAL C 79 0.08 -30.75 -28.44
CA VAL C 79 0.17 -29.38 -28.95
C VAL C 79 -1.22 -28.79 -29.08
N ALA C 80 -1.27 -27.59 -29.63
CA ALA C 80 -2.51 -26.90 -29.89
C ALA C 80 -2.55 -26.78 -31.40
N ALA C 81 -3.56 -27.36 -32.03
CA ALA C 81 -3.70 -27.30 -33.48
C ALA C 81 -3.73 -25.83 -33.89
N TRP C 82 -4.40 -25.03 -33.07
CA TRP C 82 -4.51 -23.59 -33.28
C TRP C 82 -5.06 -22.98 -32.01
N ARG C 83 -5.06 -21.66 -31.97
CA ARG C 83 -5.56 -20.93 -30.80
C ARG C 83 -6.48 -19.78 -31.21
N SER C 84 -7.46 -19.53 -30.35
CA SER C 84 -8.40 -18.44 -30.55
C SER C 84 -7.92 -17.36 -29.59
N TYR C 85 -7.84 -16.10 -30.03
CA TYR C 85 -7.35 -15.04 -29.17
C TYR C 85 -8.33 -13.94 -28.80
N LEU C 86 -8.65 -13.83 -27.52
CA LEU C 86 -9.54 -12.77 -27.05
C LEU C 86 -8.66 -11.66 -26.53
N ASN C 87 -8.97 -10.43 -26.92
CA ASN C 87 -8.17 -9.32 -26.49
C ASN C 87 -9.00 -8.09 -26.18
N MET C 88 -9.09 -7.70 -24.91
CA MET C 88 -9.88 -6.54 -24.58
C MET C 88 -9.20 -5.46 -23.75
N GLU C 89 -9.61 -4.22 -24.01
CA GLU C 89 -9.09 -3.07 -23.30
C GLU C 89 -10.28 -2.30 -22.74
N LEU C 90 -10.22 -2.01 -21.45
CA LEU C 90 -11.29 -1.28 -20.79
C LEU C 90 -10.73 0.01 -20.21
N THR C 91 -11.26 1.14 -20.65
CA THR C 91 -10.81 2.43 -20.16
C THR C 91 -11.82 3.01 -19.19
N ILE C 92 -11.37 3.41 -18.02
CA ILE C 92 -12.25 3.98 -17.02
C ILE C 92 -11.66 5.23 -16.39
N PRO C 93 -12.38 6.36 -16.51
CA PRO C 93 -11.98 7.66 -15.95
C PRO C 93 -11.83 7.55 -14.45
N ILE C 94 -10.92 8.33 -13.86
CA ILE C 94 -10.69 8.28 -12.42
C ILE C 94 -11.85 8.84 -11.59
N PHE C 95 -12.88 9.36 -12.24
CA PHE C 95 -14.03 9.91 -11.54
C PHE C 95 -15.07 8.85 -11.26
N ALA C 96 -14.91 7.70 -11.88
CA ALA C 96 -15.84 6.60 -11.70
C ALA C 96 -15.77 6.07 -10.27
N THR C 97 -16.92 5.98 -9.64
CA THR C 97 -17.00 5.48 -8.28
C THR C 97 -17.16 3.97 -8.35
N ASN C 98 -17.27 3.31 -7.21
CA ASN C 98 -17.42 1.86 -7.21
C ASN C 98 -18.75 1.47 -7.84
N SER C 99 -19.74 2.35 -7.72
CA SER C 99 -21.05 2.07 -8.31
C SER C 99 -20.95 2.16 -9.81
N ASP C 100 -20.22 3.16 -10.30
CA ASP C 100 -20.05 3.33 -11.74
C ASP C 100 -19.35 2.10 -12.30
N CYS C 101 -18.37 1.59 -11.57
CA CYS C 101 -17.62 0.43 -12.01
C CYS C 101 -18.47 -0.82 -12.03
N GLU C 102 -19.34 -0.96 -11.04
CA GLU C 102 -20.22 -2.11 -10.98
C GLU C 102 -21.16 -2.12 -12.17
N LEU C 103 -21.54 -0.93 -12.61
CA LEU C 103 -22.43 -0.80 -13.75
C LEU C 103 -21.72 -1.25 -15.02
N ILE C 104 -20.45 -0.84 -15.15
CA ILE C 104 -19.64 -1.20 -16.30
C ILE C 104 -19.48 -2.71 -16.38
N VAL C 105 -19.35 -3.37 -15.24
CA VAL C 105 -19.21 -4.83 -15.21
C VAL C 105 -20.51 -5.49 -15.62
N LYS C 106 -21.64 -4.93 -15.21
CA LYS C 106 -22.92 -5.50 -15.58
C LYS C 106 -23.12 -5.37 -17.09
N ALA C 107 -22.58 -4.30 -17.66
CA ALA C 107 -22.71 -4.07 -19.09
C ALA C 107 -21.95 -5.15 -19.84
N MET C 108 -20.77 -5.52 -19.34
CA MET C 108 -19.98 -6.54 -19.98
C MET C 108 -20.62 -7.91 -19.87
N GLN C 109 -21.24 -8.19 -18.73
CA GLN C 109 -21.89 -9.49 -18.52
C GLN C 109 -23.15 -9.57 -19.38
N GLY C 110 -23.84 -8.43 -19.53
CA GLY C 110 -25.05 -8.40 -20.33
C GLY C 110 -24.71 -8.60 -21.79
N LEU C 111 -23.66 -7.93 -22.24
CA LEU C 111 -23.22 -8.05 -23.62
C LEU C 111 -23.02 -9.51 -24.04
N LEU C 112 -22.51 -10.33 -23.12
CA LEU C 112 -22.21 -11.73 -23.43
C LEU C 112 -23.20 -12.78 -22.90
N LYS C 113 -24.29 -12.34 -22.30
CA LYS C 113 -25.27 -13.27 -21.76
C LYS C 113 -25.88 -14.15 -22.86
N ASP C 114 -26.20 -15.39 -22.51
CA ASP C 114 -26.79 -16.31 -23.47
C ASP C 114 -28.04 -15.77 -24.13
N GLY C 115 -28.16 -16.00 -25.43
CA GLY C 115 -29.33 -15.55 -26.15
C GLY C 115 -29.21 -14.19 -26.78
N ASN C 116 -28.31 -13.36 -26.23
CA ASN C 116 -28.14 -12.04 -26.79
C ASN C 116 -27.42 -12.09 -28.13
N PRO C 117 -27.64 -11.06 -28.96
CA PRO C 117 -27.04 -10.95 -30.30
C PRO C 117 -25.60 -11.38 -30.48
N ILE C 118 -24.68 -10.74 -29.78
CA ILE C 118 -23.27 -11.06 -29.96
C ILE C 118 -22.78 -12.45 -29.57
N PRO C 119 -23.14 -12.94 -28.37
CA PRO C 119 -22.65 -14.30 -28.06
C PRO C 119 -23.27 -15.35 -29.00
N SER C 120 -24.43 -15.04 -29.56
CA SER C 120 -25.09 -15.95 -30.47
C SER C 120 -24.43 -15.97 -31.83
N ALA C 121 -24.01 -14.80 -32.31
CA ALA C 121 -23.35 -14.72 -33.61
C ALA C 121 -22.05 -15.50 -33.55
N ILE C 122 -21.26 -15.24 -32.51
CA ILE C 122 -19.98 -15.91 -32.33
C ILE C 122 -20.14 -17.42 -32.24
N ALA C 123 -21.03 -17.86 -31.35
CA ALA C 123 -21.27 -19.28 -31.15
C ALA C 123 -21.68 -20.03 -32.41
N ALA C 124 -22.21 -19.30 -33.40
CA ALA C 124 -22.65 -19.93 -34.64
C ALA C 124 -21.81 -19.60 -35.87
N ASN C 125 -20.56 -19.19 -35.65
CA ASN C 125 -19.68 -18.86 -36.77
C ASN C 125 -20.31 -17.79 -37.64
N SER C 126 -21.18 -16.97 -37.07
CA SER C 126 -21.86 -15.95 -37.86
C SER C 126 -21.52 -14.51 -37.51
N GLY C 127 -22.15 -13.60 -38.24
CA GLY C 127 -22.00 -12.19 -38.01
C GLY C 127 -23.37 -11.68 -37.63
N ILE C 128 -23.64 -10.42 -37.89
CA ILE C 128 -24.96 -9.86 -37.58
C ILE C 128 -25.80 -9.90 -38.85
N TYR C 129 -27.11 -10.03 -38.68
CA TYR C 129 -28.02 -10.08 -39.82
C TYR C 129 -29.46 -9.82 -39.37
#